data_3TK1
#
_entry.id   3TK1
#
_cell.length_a   42.380
_cell.length_b   106.430
_cell.length_c   134.040
_cell.angle_alpha   90.000
_cell.angle_beta   90.000
_cell.angle_gamma   90.000
#
_symmetry.space_group_name_H-M   'P 21 21 21'
#
loop_
_entity.id
_entity.type
_entity.pdbx_description
1 polymer 'Membrane ATPase/protein kinase'
2 non-polymer "GUANOSINE-5'-DIPHOSPHATE"
3 non-polymer 'CHLORIDE ION'
4 water water
#
_entity_poly.entity_id   1
_entity_poly.type   'polypeptide(L)'
_entity_poly.pdbx_seq_one_letter_code
;GPGSMTQTVKDLAAAIRSGDRAALPRAITLVESTRADHRERAQELLLELMPDAGRAMHVGITGVPGVGKSTSIEALGMHL
IEQGHRVAVLAVDPSSVRSGGSILGDKTRMARLAVHPDAYVRPSPSSGTLGGVAKATRETIVLLEAAGFDVVLVETVGVG
QSEVTVADMVDTFVFLTLARTGDQLQGIKKGVLELADIVVVNKADGEHAVEARKAARELAGAMRLIYPRETLWRPPVLTM
SALEGTGVAELWETVLKHRQVLIDAGEFEKRRRDQEVNWMWTMVRDAVIDRVMTSPGVREIRAEVERQVREGELTAALAA
QRLLDAAELR
;
_entity_poly.pdbx_strand_id   A,B
#
# COMPACT_ATOMS: atom_id res chain seq x y z
N THR A 8 30.50 -26.93 15.37
CA THR A 8 29.23 -27.65 15.02
C THR A 8 27.98 -26.85 15.41
N VAL A 9 26.96 -26.86 14.54
CA VAL A 9 25.75 -26.05 14.72
C VAL A 9 25.10 -26.21 16.10
N LYS A 10 25.03 -27.43 16.62
CA LYS A 10 24.45 -27.67 17.93
C LYS A 10 25.36 -27.13 19.06
N ASP A 11 26.67 -27.12 18.83
CA ASP A 11 27.61 -26.54 19.82
C ASP A 11 27.44 -25.01 19.86
N LEU A 12 27.30 -24.42 18.66
CA LEU A 12 27.09 -22.98 18.54
C LEU A 12 25.77 -22.57 19.20
N ALA A 13 24.73 -23.37 18.98
CA ALA A 13 23.46 -23.15 19.65
C ALA A 13 23.70 -23.05 21.15
N ALA A 14 24.32 -24.09 21.70
CA ALA A 14 24.61 -24.18 23.14
C ALA A 14 25.47 -23.02 23.64
N ALA A 15 26.47 -22.61 22.86
CA ALA A 15 27.34 -21.48 23.23
C ALA A 15 26.57 -20.16 23.27
N ILE A 16 25.62 -19.98 22.33
CA ILE A 16 24.78 -18.76 22.32
C ILE A 16 23.90 -18.74 23.56
N ARG A 17 23.31 -19.89 23.88
CA ARG A 17 22.41 -20.00 25.04
C ARG A 17 23.11 -19.79 26.38
N SER A 18 24.37 -20.21 26.46
CA SER A 18 25.13 -20.06 27.71
C SER A 18 25.90 -18.74 27.82
N GLY A 19 25.83 -17.90 26.80
CA GLY A 19 26.34 -16.54 26.88
C GLY A 19 27.83 -16.42 26.66
N ASP A 20 28.43 -17.42 26.01
CA ASP A 20 29.86 -17.42 25.72
C ASP A 20 30.20 -16.23 24.81
N ARG A 21 31.21 -15.48 25.22
CA ARG A 21 31.55 -14.19 24.62
C ARG A 21 31.46 -14.17 23.09
N ALA A 22 32.08 -15.16 22.45
CA ALA A 22 32.29 -15.17 21.01
C ALA A 22 31.17 -15.80 20.17
N ALA A 23 30.17 -16.41 20.78
CA ALA A 23 29.19 -17.21 20.00
C ALA A 23 28.16 -16.37 19.20
N LEU A 24 27.62 -15.33 19.82
CA LEU A 24 26.64 -14.46 19.16
C LEU A 24 27.22 -13.72 17.93
N PRO A 25 28.41 -13.08 18.04
CA PRO A 25 29.08 -12.45 16.89
C PRO A 25 29.36 -13.38 15.70
N ARG A 26 29.73 -14.62 15.98
CA ARG A 26 29.96 -15.61 14.92
C ARG A 26 28.61 -16.02 14.32
N ALA A 27 27.64 -16.32 15.18
CA ALA A 27 26.25 -16.52 14.74
C ALA A 27 25.78 -15.40 13.81
N ILE A 28 26.06 -14.14 14.19
CA ILE A 28 25.65 -12.96 13.39
C ILE A 28 26.36 -12.92 12.05
N THR A 29 27.68 -13.06 12.07
CA THR A 29 28.46 -13.12 10.83
C THR A 29 27.91 -14.23 9.92
N LEU A 30 27.56 -15.38 10.49
CA LEU A 30 27.01 -16.49 9.71
C LEU A 30 25.70 -16.14 9.00
N VAL A 31 24.81 -15.46 9.70
CA VAL A 31 23.52 -15.10 9.14
C VAL A 31 23.70 -13.95 8.13
N GLU A 32 24.77 -13.18 8.29
CA GLU A 32 25.09 -12.11 7.36
C GLU A 32 25.84 -12.59 6.10
N SER A 33 26.17 -13.86 6.04
CA SER A 33 26.93 -14.37 4.90
C SER A 33 26.13 -14.37 3.60
N THR A 34 26.74 -13.84 2.55
CA THR A 34 26.18 -13.87 1.21
C THR A 34 26.52 -15.23 0.55
N ARG A 35 27.64 -15.83 0.96
CA ARG A 35 28.12 -17.11 0.42
C ARG A 35 27.13 -18.25 0.70
N ALA A 36 26.89 -19.06 -0.33
CA ALA A 36 25.89 -20.12 -0.32
C ALA A 36 26.10 -21.19 0.76
N ASP A 37 27.35 -21.57 1.03
CA ASP A 37 27.62 -22.64 2.03
C ASP A 37 27.13 -22.27 3.44
N HIS A 38 27.42 -21.04 3.83
CA HIS A 38 27.08 -20.51 5.17
C HIS A 38 25.59 -20.29 5.32
N ARG A 39 24.92 -19.98 4.20
CA ARG A 39 23.45 -19.87 4.18
C ARG A 39 22.80 -21.18 4.65
N GLU A 40 23.33 -22.34 4.26
CA GLU A 40 22.73 -23.63 4.66
C GLU A 40 22.89 -23.87 6.18
N ARG A 41 24.09 -23.57 6.67
CA ARG A 41 24.40 -23.73 8.09
C ARG A 41 23.59 -22.72 8.95
N ALA A 42 23.51 -21.47 8.49
CA ALA A 42 22.68 -20.45 9.17
C ALA A 42 21.28 -20.97 9.45
N GLN A 43 20.69 -21.66 8.47
CA GLN A 43 19.33 -22.11 8.63
C GLN A 43 19.25 -23.33 9.54
N GLU A 44 20.27 -24.18 9.54
CA GLU A 44 20.29 -25.30 10.47
C GLU A 44 20.35 -24.75 11.88
N LEU A 45 21.21 -23.77 12.10
CA LEU A 45 21.29 -23.10 13.40
C LEU A 45 19.92 -22.57 13.85
N LEU A 46 19.23 -21.87 12.94
CA LEU A 46 17.95 -21.25 13.27
C LEU A 46 16.91 -22.29 13.60
N LEU A 47 16.89 -23.38 12.84
CA LEU A 47 16.05 -24.54 13.16
C LEU A 47 16.35 -25.02 14.57
N GLU A 48 17.64 -25.14 14.89
CA GLU A 48 18.04 -25.57 16.22
C GLU A 48 17.58 -24.55 17.29
N LEU A 49 17.54 -23.27 16.94
CA LEU A 49 17.15 -22.23 17.89
C LEU A 49 15.65 -21.92 17.96
N MET A 50 14.84 -22.59 17.13
CA MET A 50 13.39 -22.37 17.09
C MET A 50 12.66 -22.30 18.44
N PRO A 51 12.91 -23.25 19.37
CA PRO A 51 12.24 -23.20 20.66
C PRO A 51 12.39 -21.86 21.39
N ASP A 52 13.40 -21.08 20.99
CA ASP A 52 13.63 -19.75 21.53
C ASP A 52 12.98 -18.60 20.73
N ALA A 53 12.72 -18.80 19.43
CA ALA A 53 12.09 -17.74 18.61
C ALA A 53 10.82 -17.26 19.29
N GLY A 54 10.74 -15.96 19.52
CA GLY A 54 9.57 -15.38 20.13
C GLY A 54 9.67 -15.04 21.61
N ARG A 55 10.73 -15.43 22.28
CA ARG A 55 10.83 -15.15 23.73
C ARG A 55 10.91 -13.66 24.06
N ALA A 56 11.35 -12.83 23.14
CA ALA A 56 11.41 -11.38 23.39
C ALA A 56 10.17 -10.64 22.90
N MET A 57 9.89 -9.49 23.52
CA MET A 57 8.95 -8.52 22.96
C MET A 57 9.62 -7.92 21.75
N HIS A 58 8.83 -7.60 20.73
CA HIS A 58 9.34 -7.00 19.48
C HIS A 58 8.65 -5.69 19.30
N VAL A 59 9.39 -4.59 19.41
CA VAL A 59 8.79 -3.28 19.37
C VAL A 59 9.46 -2.39 18.35
N GLY A 60 8.69 -1.87 17.40
CA GLY A 60 9.24 -1.05 16.33
C GLY A 60 9.19 0.40 16.69
N ILE A 61 10.20 1.18 16.30
CA ILE A 61 10.26 2.60 16.65
C ILE A 61 10.71 3.35 15.43
N THR A 62 9.92 4.31 14.97
CA THR A 62 10.26 5.08 13.76
C THR A 62 9.99 6.55 13.93
N GLY A 63 10.51 7.34 13.00
CA GLY A 63 10.37 8.80 13.04
C GLY A 63 11.44 9.42 12.18
N VAL A 64 11.20 10.60 11.63
CA VAL A 64 12.19 11.21 10.74
C VAL A 64 13.42 11.63 11.55
N PRO A 65 14.60 11.58 10.92
CA PRO A 65 15.83 12.09 11.55
C PRO A 65 15.62 13.45 12.22
N GLY A 66 16.14 13.60 13.44
CA GLY A 66 16.00 14.83 14.20
C GLY A 66 14.83 14.82 15.17
N VAL A 67 13.94 13.82 15.05
CA VAL A 67 12.74 13.75 15.90
C VAL A 67 13.06 13.37 17.35
N GLY A 68 14.22 12.75 17.60
CA GLY A 68 14.62 12.31 18.96
C GLY A 68 14.65 10.80 19.17
N LYS A 69 14.79 10.07 18.08
CA LYS A 69 14.71 8.62 18.12
C LYS A 69 15.82 7.97 18.98
N SER A 70 17.06 8.43 18.83
CA SER A 70 18.18 7.80 19.56
C SER A 70 18.05 8.09 21.04
N THR A 71 17.77 9.34 21.36
CA THR A 71 17.57 9.72 22.74
C THR A 71 16.42 8.94 23.36
N SER A 72 15.38 8.70 22.57
CA SER A 72 14.20 7.99 23.06
C SER A 72 14.52 6.53 23.38
N ILE A 73 15.22 5.88 22.47
CA ILE A 73 15.62 4.48 22.61
C ILE A 73 16.58 4.30 23.79
N GLU A 74 17.44 5.29 23.97
CA GLU A 74 18.36 5.29 25.09
C GLU A 74 17.57 5.37 26.38
N ALA A 75 16.64 6.30 26.47
CA ALA A 75 15.90 6.46 27.70
C ALA A 75 15.10 5.18 27.96
N LEU A 76 14.40 4.68 26.94
CA LEU A 76 13.68 3.41 27.10
C LEU A 76 14.61 2.28 27.54
N GLY A 77 15.74 2.19 26.87
CA GLY A 77 16.70 1.14 27.18
C GLY A 77 17.21 1.16 28.60
N MET A 78 17.55 2.36 29.10
CA MET A 78 18.06 2.48 30.45
C MET A 78 16.97 2.17 31.47
N HIS A 79 15.74 2.58 31.16
CA HIS A 79 14.58 2.29 32.02
C HIS A 79 14.36 0.81 32.13
N LEU A 80 14.42 0.10 31.00
CA LEU A 80 14.17 -1.35 31.02
C LEU A 80 15.29 -2.16 31.71
N ILE A 81 16.52 -1.66 31.61
CA ILE A 81 17.62 -2.33 32.21
C ILE A 81 17.51 -2.15 33.73
N GLU A 82 17.13 -0.95 34.18
CA GLU A 82 16.98 -0.72 35.63
C GLU A 82 15.99 -1.72 36.24
N GLN A 83 15.02 -2.16 35.42
CA GLN A 83 14.03 -3.16 35.82
C GLN A 83 14.52 -4.58 35.59
N GLY A 84 15.78 -4.77 35.20
CA GLY A 84 16.33 -6.12 34.97
C GLY A 84 16.10 -6.78 33.61
N HIS A 85 15.60 -6.04 32.62
CA HIS A 85 15.51 -6.61 31.26
C HIS A 85 16.81 -6.57 30.55
N ARG A 86 16.88 -7.31 29.45
CA ARG A 86 18.08 -7.35 28.65
C ARG A 86 17.70 -6.96 27.22
N VAL A 87 18.22 -5.80 26.79
CA VAL A 87 17.67 -5.07 25.67
C VAL A 87 18.62 -4.95 24.47
N ALA A 88 18.09 -5.21 23.28
CA ALA A 88 18.79 -5.05 22.00
C ALA A 88 18.00 -4.01 21.21
N VAL A 89 18.68 -3.15 20.48
CA VAL A 89 18.07 -2.23 19.52
C VAL A 89 18.72 -2.60 18.21
N LEU A 90 17.93 -3.05 17.22
CA LEU A 90 18.41 -3.38 15.90
C LEU A 90 17.98 -2.25 14.98
N ALA A 91 18.96 -1.67 14.26
CA ALA A 91 18.67 -0.65 13.27
C ALA A 91 18.63 -1.31 11.89
N VAL A 92 17.64 -0.95 11.09
CA VAL A 92 17.44 -1.56 9.79
C VAL A 92 18.00 -0.70 8.66
N ASP A 106 27.57 -7.70 28.48
CA ASP A 106 27.28 -6.76 29.56
C ASP A 106 25.78 -6.51 29.79
N LYS A 107 25.19 -7.28 30.71
CA LYS A 107 23.76 -7.14 31.03
C LYS A 107 23.38 -5.73 31.52
N THR A 108 24.35 -4.94 31.98
CA THR A 108 24.11 -3.58 32.47
C THR A 108 24.17 -2.49 31.38
N ARG A 109 24.42 -2.90 30.13
CA ARG A 109 24.41 -1.97 28.99
C ARG A 109 23.48 -2.52 27.86
N MET A 110 22.87 -1.61 27.11
CA MET A 110 21.96 -1.94 25.99
C MET A 110 22.77 -2.39 24.76
N ALA A 111 22.38 -3.50 24.12
CA ALA A 111 23.04 -3.95 22.90
C ALA A 111 22.52 -3.15 21.71
N ARG A 112 23.43 -2.56 20.93
CA ARG A 112 23.03 -1.72 19.82
C ARG A 112 23.66 -2.24 18.53
N LEU A 113 22.83 -2.74 17.62
CA LEU A 113 23.33 -3.49 16.49
C LEU A 113 22.68 -3.01 15.21
N ALA A 114 23.31 -3.33 14.10
CA ALA A 114 22.73 -3.03 12.79
C ALA A 114 23.32 -4.03 11.81
N VAL A 115 22.54 -5.03 11.40
CA VAL A 115 23.06 -6.11 10.58
C VAL A 115 22.82 -5.89 9.10
N HIS A 116 23.77 -6.39 8.29
CA HIS A 116 23.71 -6.33 6.82
C HIS A 116 24.41 -7.54 6.24
N PRO A 117 24.06 -7.97 5.01
CA PRO A 117 24.76 -9.11 4.37
C PRO A 117 26.24 -8.86 4.04
N LEU A 130 17.29 -3.31 1.19
CA LEU A 130 16.24 -3.41 2.23
C LEU A 130 15.87 -4.87 2.51
N GLY A 131 15.53 -5.58 1.46
CA GLY A 131 15.18 -7.00 1.55
C GLY A 131 16.25 -7.78 2.29
N GLY A 132 17.51 -7.55 1.92
CA GLY A 132 18.63 -8.25 2.54
C GLY A 132 18.85 -7.86 3.99
N VAL A 133 18.61 -6.59 4.31
CA VAL A 133 18.79 -6.11 5.67
C VAL A 133 17.65 -6.63 6.56
N ALA A 134 16.43 -6.58 6.02
CA ALA A 134 15.25 -7.09 6.72
C ALA A 134 15.45 -8.55 7.11
N LYS A 135 15.84 -9.36 6.13
CA LYS A 135 16.12 -10.77 6.35
C LYS A 135 17.14 -10.94 7.49
N ALA A 136 18.25 -10.21 7.40
CA ALA A 136 19.30 -10.35 8.41
C ALA A 136 18.77 -9.96 9.78
N THR A 137 18.00 -8.86 9.80
CA THR A 137 17.49 -8.37 11.05
C THR A 137 16.52 -9.39 11.67
N ARG A 138 15.57 -9.89 10.87
CA ARG A 138 14.58 -10.85 11.39
C ARG A 138 15.28 -12.05 12.00
N GLU A 139 16.33 -12.53 11.35
CA GLU A 139 17.02 -13.71 11.82
C GLU A 139 17.81 -13.43 13.10
N THR A 140 18.48 -12.29 13.13
CA THR A 140 19.22 -11.87 14.31
C THR A 140 18.34 -11.70 15.54
N ILE A 141 17.07 -11.33 15.35
CA ILE A 141 16.17 -11.28 16.48
C ILE A 141 16.15 -12.65 17.19
N VAL A 142 16.11 -13.73 16.41
CA VAL A 142 16.09 -15.05 16.99
C VAL A 142 17.42 -15.31 17.73
N LEU A 143 18.52 -14.87 17.13
CA LEU A 143 19.84 -15.04 17.76
C LEU A 143 19.89 -14.32 19.11
N LEU A 144 19.34 -13.11 19.17
CA LEU A 144 19.28 -12.37 20.42
C LEU A 144 18.38 -13.08 21.43
N GLU A 145 17.27 -13.65 20.98
CA GLU A 145 16.32 -14.32 21.90
C GLU A 145 16.94 -15.58 22.49
N ALA A 146 17.58 -16.37 21.64
CA ALA A 146 18.34 -17.51 22.11
C ALA A 146 19.40 -17.07 23.14
N ALA A 147 19.93 -15.86 23.02
CA ALA A 147 20.92 -15.32 23.97
C ALA A 147 20.35 -14.70 25.25
N GLY A 148 19.04 -14.74 25.43
CA GLY A 148 18.42 -14.24 26.67
C GLY A 148 18.03 -12.76 26.69
N PHE A 149 18.01 -12.13 25.51
CA PHE A 149 17.40 -10.81 25.37
C PHE A 149 15.86 -10.96 25.34
N ASP A 150 15.17 -10.23 26.22
CA ASP A 150 13.70 -10.29 26.31
C ASP A 150 12.97 -9.05 25.74
N VAL A 151 13.71 -8.00 25.38
CA VAL A 151 13.16 -6.89 24.62
C VAL A 151 14.05 -6.57 23.41
N VAL A 152 13.44 -6.59 22.22
CA VAL A 152 14.15 -6.28 20.97
C VAL A 152 13.42 -5.10 20.32
N LEU A 153 14.11 -3.96 20.27
CA LEU A 153 13.60 -2.77 19.67
C LEU A 153 14.10 -2.71 18.24
N VAL A 154 13.21 -2.47 17.29
CA VAL A 154 13.63 -2.35 15.90
C VAL A 154 13.36 -0.94 15.38
N GLU A 155 14.38 -0.34 14.81
CA GLU A 155 14.40 1.08 14.53
C GLU A 155 14.61 1.25 13.03
N THR A 156 13.92 2.21 12.41
CA THR A 156 14.21 2.57 11.03
C THR A 156 15.49 3.39 11.06
N VAL A 157 16.41 3.09 10.16
CA VAL A 157 17.62 3.91 10.02
C VAL A 157 17.36 4.88 8.89
N GLY A 158 17.36 6.18 9.21
CA GLY A 158 17.34 7.25 8.23
C GLY A 158 16.08 7.36 7.39
N VAL A 159 16.27 7.69 6.11
CA VAL A 159 15.19 7.99 5.17
C VAL A 159 15.02 6.85 4.17
N GLY A 160 13.78 6.47 3.90
CA GLY A 160 13.50 5.39 2.98
C GLY A 160 12.08 4.89 3.10
N GLN A 161 11.79 3.78 2.43
CA GLN A 161 10.50 3.09 2.55
C GLN A 161 10.66 1.77 3.35
N SER A 162 11.33 1.87 4.50
CA SER A 162 11.56 0.75 5.41
C SER A 162 10.45 0.52 6.47
N GLU A 163 9.50 1.44 6.57
CA GLU A 163 8.53 1.41 7.68
C GLU A 163 7.65 0.14 7.68
N VAL A 164 7.21 -0.28 6.50
CA VAL A 164 6.41 -1.48 6.39
C VAL A 164 7.20 -2.72 6.80
N THR A 165 8.44 -2.81 6.31
CA THR A 165 9.32 -3.91 6.62
C THR A 165 9.50 -4.05 8.14
N VAL A 166 9.71 -2.91 8.83
CA VAL A 166 9.80 -2.94 10.30
C VAL A 166 8.46 -3.32 10.96
N ALA A 167 7.35 -2.75 10.48
CA ALA A 167 6.03 -3.04 11.07
C ALA A 167 5.78 -4.55 11.05
N ASP A 168 6.13 -5.19 9.93
CA ASP A 168 5.91 -6.61 9.72
C ASP A 168 6.76 -7.54 10.61
N MET A 169 7.75 -7.01 11.30
CA MET A 169 8.54 -7.88 12.16
C MET A 169 8.41 -7.57 13.64
N VAL A 170 7.49 -6.69 14.02
CA VAL A 170 7.31 -6.33 15.43
C VAL A 170 5.85 -6.50 15.88
N ASP A 171 5.61 -6.47 17.18
CA ASP A 171 4.25 -6.64 17.71
C ASP A 171 3.57 -5.29 17.86
N THR A 172 4.38 -4.27 18.13
CA THR A 172 3.87 -2.95 18.41
C THR A 172 4.78 -1.94 17.76
N PHE A 173 4.17 -1.05 16.97
CA PHE A 173 4.88 -0.08 16.14
C PHE A 173 4.62 1.33 16.70
N VAL A 174 5.70 1.97 17.13
CA VAL A 174 5.63 3.28 17.79
C VAL A 174 6.15 4.35 16.81
N PHE A 175 5.38 5.43 16.62
CA PHE A 175 5.76 6.51 15.67
C PHE A 175 6.03 7.82 16.42
N LEU A 176 7.24 8.34 16.27
CA LEU A 176 7.60 9.60 16.92
C LEU A 176 7.44 10.78 15.97
N THR A 177 6.88 11.84 16.49
CA THR A 177 6.63 13.04 15.73
C THR A 177 7.02 14.23 16.59
N LEU A 178 6.99 15.40 15.95
CA LEU A 178 7.26 16.68 16.59
C LEU A 178 6.14 17.68 16.32
N ALA A 179 5.90 18.55 17.31
CA ALA A 179 5.01 19.68 17.13
C ALA A 179 5.83 20.84 16.59
N ARG A 180 5.66 21.18 15.30
CA ARG A 180 6.21 22.43 14.71
C ARG A 180 5.59 23.58 15.51
N THR A 181 4.27 23.52 15.65
CA THR A 181 3.49 24.39 16.52
C THR A 181 2.38 23.54 17.19
N GLY A 182 1.59 24.14 18.07
CA GLY A 182 0.36 23.50 18.58
C GLY A 182 -0.64 23.07 17.49
N ASP A 183 -0.50 23.64 16.29
CA ASP A 183 -1.43 23.39 15.20
C ASP A 183 -0.81 22.63 14.01
N GLN A 184 0.47 22.28 14.07
CA GLN A 184 1.16 21.65 12.92
C GLN A 184 2.17 20.60 13.40
N LEU A 185 2.02 19.35 12.97
CA LEU A 185 3.04 18.35 13.30
C LEU A 185 4.15 18.48 12.25
N GLN A 186 5.34 17.89 12.43
CA GLN A 186 6.29 17.77 11.29
C GLN A 186 6.80 16.33 11.10
N GLY A 187 7.11 16.02 9.83
CA GLY A 187 7.66 14.74 9.47
C GLY A 187 6.68 13.59 9.61
N ILE A 188 5.53 13.75 8.96
CA ILE A 188 4.55 12.70 8.87
C ILE A 188 4.50 12.34 7.40
N LYS A 189 5.24 11.29 7.06
CA LYS A 189 5.38 10.79 5.71
C LYS A 189 4.18 9.93 5.31
N LYS A 190 3.82 9.99 4.02
CA LYS A 190 2.57 9.38 3.55
C LYS A 190 2.51 7.91 3.92
N GLY A 191 1.37 7.49 4.48
CA GLY A 191 1.10 6.08 4.72
C GLY A 191 1.83 5.46 5.88
N VAL A 192 2.47 6.27 6.70
CA VAL A 192 3.18 5.80 7.88
C VAL A 192 2.25 5.82 9.08
N LEU A 193 1.47 6.88 9.21
CA LEU A 193 0.57 7.04 10.36
C LEU A 193 -0.35 5.84 10.59
N GLU A 194 -0.81 5.23 9.50
CA GLU A 194 -1.74 4.11 9.57
C GLU A 194 -1.06 2.84 10.07
N LEU A 195 0.27 2.81 10.10
CA LEU A 195 1.01 1.68 10.67
C LEU A 195 1.17 1.83 12.21
N ALA A 196 0.91 3.02 12.74
CA ALA A 196 1.24 3.31 14.14
C ALA A 196 0.23 2.71 15.12
N ASP A 197 0.72 1.89 16.02
CA ASP A 197 -0.11 1.46 17.15
C ASP A 197 -0.08 2.51 18.24
N ILE A 198 1.01 3.28 18.30
CA ILE A 198 1.18 4.39 19.28
C ILE A 198 1.90 5.56 18.62
N VAL A 199 1.45 6.78 18.84
CA VAL A 199 2.09 7.97 18.26
C VAL A 199 2.61 8.81 19.43
N VAL A 200 3.85 9.28 19.33
CA VAL A 200 4.47 10.05 20.41
C VAL A 200 4.88 11.42 19.88
N VAL A 201 4.51 12.46 20.60
CA VAL A 201 4.98 13.81 20.27
C VAL A 201 6.12 14.06 21.22
N ASN A 202 7.35 14.02 20.72
CA ASN A 202 8.53 14.08 21.58
C ASN A 202 8.99 15.53 21.73
N LYS A 203 9.93 15.77 22.65
CA LYS A 203 10.47 17.13 22.92
C LYS A 203 9.46 18.00 23.63
N ALA A 204 8.52 17.36 24.32
CA ALA A 204 7.56 18.06 25.15
C ALA A 204 8.28 18.42 26.45
N ASP A 205 9.08 19.47 26.37
CA ASP A 205 9.80 20.02 27.50
C ASP A 205 9.98 21.54 27.31
N GLY A 206 10.23 22.24 28.41
CA GLY A 206 10.45 23.68 28.39
C GLY A 206 9.18 24.42 28.03
N GLU A 207 9.33 25.53 27.32
CA GLU A 207 8.19 26.32 26.86
C GLU A 207 7.43 25.55 25.75
N HIS A 208 8.11 24.57 25.14
CA HIS A 208 7.54 23.80 24.05
C HIS A 208 6.50 22.81 24.53
N ALA A 209 6.54 22.44 25.82
CA ALA A 209 5.62 21.45 26.39
C ALA A 209 4.17 21.74 26.02
N VAL A 210 3.71 22.94 26.34
CA VAL A 210 2.32 23.34 26.11
C VAL A 210 1.90 23.17 24.66
N GLU A 211 2.78 23.51 23.72
CA GLU A 211 2.49 23.34 22.28
C GLU A 211 2.46 21.86 21.85
N ALA A 212 3.33 21.07 22.46
CA ALA A 212 3.38 19.64 22.21
C ALA A 212 2.07 19.00 22.65
N ARG A 213 1.54 19.42 23.80
CA ARG A 213 0.29 18.84 24.29
C ARG A 213 -0.88 19.24 23.40
N LYS A 214 -0.96 20.52 23.06
CA LYS A 214 -2.00 20.98 22.16
C LYS A 214 -2.03 20.09 20.92
N ALA A 215 -0.88 19.98 20.27
CA ALA A 215 -0.71 19.17 19.08
C ALA A 215 -1.13 17.73 19.27
N ALA A 216 -0.75 17.13 20.39
CA ALA A 216 -1.16 15.77 20.71
C ALA A 216 -2.69 15.65 20.76
N ARG A 217 -3.36 16.62 21.39
CA ARG A 217 -4.81 16.54 21.56
C ARG A 217 -5.49 16.65 20.24
N GLU A 218 -5.04 17.59 19.41
CA GLU A 218 -5.66 17.82 18.11
C GLU A 218 -5.52 16.56 17.25
N LEU A 219 -4.37 15.91 17.32
CA LEU A 219 -4.16 14.67 16.58
C LEU A 219 -5.06 13.54 17.14
N ALA A 220 -5.20 13.44 18.46
CA ALA A 220 -6.10 12.45 19.02
C ALA A 220 -7.51 12.71 18.50
N GLY A 221 -7.90 13.98 18.46
CA GLY A 221 -9.22 14.39 17.94
C GLY A 221 -9.35 13.99 16.48
N ALA A 222 -8.31 14.29 15.71
CA ALA A 222 -8.22 13.90 14.31
C ALA A 222 -8.59 12.45 14.12
N MET A 223 -7.91 11.60 14.87
CA MET A 223 -8.12 10.16 14.78
C MET A 223 -9.47 9.70 15.31
N ARG A 224 -10.08 10.50 16.17
CA ARG A 224 -11.42 10.21 16.67
C ARG A 224 -12.47 10.59 15.62
N LEU A 225 -12.18 11.66 14.87
CA LEU A 225 -12.97 12.02 13.68
C LEU A 225 -12.91 10.89 12.63
N ILE A 226 -11.77 10.27 12.46
CA ILE A 226 -11.61 9.21 11.46
C ILE A 226 -11.86 7.81 12.05
N THR A 231 -13.32 -0.47 18.10
CA THR A 231 -12.24 -1.24 17.50
C THR A 231 -11.57 -2.11 18.57
N LEU A 232 -10.55 -2.84 18.17
CA LEU A 232 -9.76 -3.63 19.11
C LEU A 232 -8.82 -2.71 19.92
N TRP A 233 -8.26 -1.72 19.21
CA TRP A 233 -7.27 -0.83 19.75
C TRP A 233 -7.26 0.49 19.02
N ARG A 234 -7.52 1.55 19.76
CA ARG A 234 -7.35 2.87 19.20
C ARG A 234 -5.95 3.37 19.52
N PRO A 235 -5.18 3.74 18.50
CA PRO A 235 -3.83 4.22 18.80
C PRO A 235 -3.85 5.45 19.71
N PRO A 236 -3.39 5.34 20.97
CA PRO A 236 -3.17 6.52 21.83
C PRO A 236 -2.19 7.53 21.25
N VAL A 237 -2.32 8.80 21.62
CA VAL A 237 -1.34 9.82 21.26
C VAL A 237 -0.74 10.40 22.52
N LEU A 238 0.55 10.17 22.74
CA LEU A 238 1.20 10.57 23.99
C LEU A 238 2.15 11.71 23.71
N THR A 239 2.51 12.40 24.78
CA THR A 239 3.63 13.35 24.75
C THR A 239 4.75 12.79 25.63
N MET A 240 5.98 13.18 25.31
CA MET A 240 7.18 12.63 25.92
C MET A 240 8.35 13.61 25.77
N SER A 241 9.27 13.62 26.74
CA SER A 241 10.55 14.27 26.60
C SER A 241 11.62 13.21 26.86
N ALA A 242 12.17 12.68 25.77
CA ALA A 242 13.23 11.68 25.87
C ALA A 242 14.47 12.24 26.58
N LEU A 243 14.76 13.52 26.38
CA LEU A 243 15.95 14.15 26.99
C LEU A 243 15.79 14.24 28.51
N GLU A 244 14.58 14.50 29.01
CA GLU A 244 14.42 14.76 30.43
C GLU A 244 13.68 13.64 31.19
N GLY A 245 13.29 12.59 30.48
CA GLY A 245 12.70 11.40 31.10
C GLY A 245 11.18 11.38 31.25
N THR A 246 10.55 12.52 31.08
CA THR A 246 9.11 12.60 31.28
C THR A 246 8.37 11.81 30.18
N GLY A 247 7.39 11.02 30.61
CA GLY A 247 6.55 10.26 29.69
C GLY A 247 7.16 8.98 29.13
N VAL A 248 8.43 8.74 29.40
CA VAL A 248 9.11 7.54 28.88
C VAL A 248 8.52 6.28 29.48
N ALA A 249 8.33 6.27 30.79
CA ALA A 249 7.76 5.12 31.45
C ALA A 249 6.35 4.88 30.91
N GLU A 250 5.61 5.96 30.66
CA GLU A 250 4.22 5.86 30.21
C GLU A 250 4.12 5.30 28.79
N LEU A 251 5.04 5.66 27.91
CA LEU A 251 5.16 5.02 26.61
C LEU A 251 5.23 3.51 26.79
N TRP A 252 6.12 3.04 27.63
CA TRP A 252 6.30 1.60 27.82
C TRP A 252 5.10 0.89 28.36
N GLU A 253 4.49 1.47 29.39
CA GLU A 253 3.19 1.00 29.90
C GLU A 253 2.20 0.76 28.76
N THR A 254 2.11 1.75 27.88
CA THR A 254 1.22 1.70 26.72
C THR A 254 1.58 0.62 25.73
N VAL A 255 2.88 0.46 25.47
CA VAL A 255 3.38 -0.66 24.66
C VAL A 255 2.93 -2.00 25.27
N LEU A 256 3.10 -2.13 26.59
CA LEU A 256 2.72 -3.34 27.30
C LEU A 256 1.22 -3.57 27.20
N LYS A 257 0.47 -2.48 27.35
CA LYS A 257 -0.99 -2.53 27.26
C LYS A 257 -1.41 -3.04 25.88
N HIS A 258 -0.76 -2.57 24.81
CA HIS A 258 -1.05 -3.07 23.45
C HIS A 258 -0.84 -4.57 23.32
N ARG A 259 0.22 -5.07 23.92
CA ARG A 259 0.52 -6.50 23.91
C ARG A 259 -0.54 -7.30 24.66
N GLN A 260 -0.93 -6.83 25.84
CA GLN A 260 -1.93 -7.53 26.64
C GLN A 260 -3.27 -7.56 25.91
N VAL A 261 -3.64 -6.46 25.24
CA VAL A 261 -4.89 -6.40 24.46
C VAL A 261 -4.87 -7.38 23.31
N LEU A 262 -3.71 -7.51 22.66
CA LEU A 262 -3.56 -8.51 21.61
C LEU A 262 -3.63 -9.95 22.14
N ILE A 263 -2.99 -10.23 23.28
CA ILE A 263 -3.04 -11.54 23.89
C ILE A 263 -4.46 -11.89 24.35
N ASP A 264 -5.12 -10.93 24.99
CA ASP A 264 -6.50 -11.11 25.44
C ASP A 264 -7.50 -11.45 24.35
N ALA A 265 -7.31 -10.87 23.16
CA ALA A 265 -8.18 -11.15 22.00
C ALA A 265 -7.73 -12.36 21.20
N GLY A 266 -6.75 -13.12 21.70
CA GLY A 266 -6.21 -14.30 20.98
C GLY A 266 -5.52 -13.99 19.65
N GLU A 267 -4.83 -12.86 19.60
CA GLU A 267 -4.32 -12.34 18.32
C GLU A 267 -2.80 -12.21 18.26
N PHE A 268 -2.14 -12.27 19.40
CA PHE A 268 -0.72 -11.94 19.52
C PHE A 268 0.14 -12.95 18.78
N GLU A 269 -0.07 -14.21 19.11
CA GLU A 269 0.70 -15.31 18.56
C GLU A 269 0.35 -15.51 17.09
N LYS A 270 -0.95 -15.45 16.80
CA LYS A 270 -1.42 -15.64 15.44
C LYS A 270 -0.77 -14.60 14.55
N ARG A 271 -0.70 -13.36 15.01
CA ARG A 271 -0.12 -12.30 14.22
C ARG A 271 1.34 -12.56 13.89
N ARG A 272 2.11 -12.99 14.88
CA ARG A 272 3.49 -13.38 14.66
C ARG A 272 3.58 -14.51 13.65
N ARG A 273 2.73 -15.52 13.81
CA ARG A 273 2.76 -16.67 12.91
C ARG A 273 2.36 -16.27 11.48
N ASP A 274 1.41 -15.33 11.36
CA ASP A 274 1.05 -14.73 10.06
C ASP A 274 2.21 -13.96 9.41
N GLN A 275 2.92 -13.17 10.21
CA GLN A 275 4.03 -12.35 9.72
C GLN A 275 5.05 -13.26 9.10
N GLU A 276 5.20 -14.42 9.71
CA GLU A 276 6.24 -15.35 9.34
C GLU A 276 5.90 -15.92 7.97
N VAL A 277 4.63 -16.27 7.75
CA VAL A 277 4.19 -16.81 6.45
C VAL A 277 4.29 -15.70 5.40
N ASN A 278 3.81 -14.51 5.74
CA ASN A 278 3.92 -13.39 4.84
C ASN A 278 5.36 -13.15 4.45
N TRP A 279 6.25 -13.19 5.41
CA TRP A 279 7.66 -13.01 5.14
C TRP A 279 8.22 -14.03 4.17
N MET A 280 7.83 -15.29 4.34
CA MET A 280 8.20 -16.36 3.41
C MET A 280 7.74 -16.01 1.99
N TRP A 281 6.50 -15.57 1.84
CA TRP A 281 5.99 -15.21 0.50
C TRP A 281 6.67 -14.01 -0.06
N THR A 282 6.95 -13.01 0.77
CA THR A 282 7.69 -11.86 0.29
C THR A 282 9.06 -12.28 -0.26
N MET A 283 9.77 -13.20 0.40
CA MET A 283 11.06 -13.68 -0.13
C MET A 283 10.86 -14.42 -1.45
N VAL A 284 9.77 -15.18 -1.56
CA VAL A 284 9.49 -15.88 -2.82
C VAL A 284 9.18 -14.86 -3.91
N ARG A 285 8.30 -13.91 -3.60
CA ARG A 285 7.93 -12.87 -4.55
C ARG A 285 9.16 -12.09 -5.00
N ASP A 286 10.02 -11.72 -4.05
CA ASP A 286 11.20 -10.93 -4.35
C ASP A 286 12.14 -11.70 -5.23
N ALA A 287 12.41 -12.95 -4.91
CA ALA A 287 13.34 -13.74 -5.72
C ALA A 287 12.89 -13.88 -7.18
N VAL A 288 11.60 -14.04 -7.43
CA VAL A 288 11.10 -14.19 -8.81
C VAL A 288 11.04 -12.86 -9.56
N ILE A 289 10.65 -11.80 -8.86
CA ILE A 289 10.71 -10.47 -9.48
C ILE A 289 12.17 -10.12 -9.83
N ASP A 290 13.08 -10.35 -8.90
CA ASP A 290 14.49 -10.13 -9.17
C ASP A 290 14.99 -10.98 -10.35
N ARG A 291 14.59 -12.24 -10.45
CA ARG A 291 15.05 -13.11 -11.55
C ARG A 291 14.68 -12.48 -12.90
N VAL A 292 13.48 -11.91 -12.98
CA VAL A 292 13.06 -11.22 -14.18
C VAL A 292 13.85 -9.94 -14.37
N MET A 293 13.87 -9.10 -13.35
CA MET A 293 14.43 -7.77 -13.48
C MET A 293 15.93 -7.70 -13.75
N THR A 294 16.68 -8.65 -13.21
CA THR A 294 18.12 -8.68 -13.38
C THR A 294 18.46 -9.48 -14.60
N SER A 295 17.46 -9.99 -15.32
CA SER A 295 17.75 -10.82 -16.49
C SER A 295 18.49 -9.97 -17.56
N PRO A 296 19.45 -10.58 -18.28
CA PRO A 296 20.15 -9.80 -19.30
C PRO A 296 19.21 -9.18 -20.32
N GLY A 297 18.29 -9.96 -20.85
CA GLY A 297 17.41 -9.42 -21.88
C GLY A 297 16.57 -8.22 -21.41
N VAL A 298 16.11 -8.25 -20.16
CA VAL A 298 15.30 -7.15 -19.60
C VAL A 298 16.25 -5.97 -19.41
N ARG A 299 17.44 -6.25 -18.88
CA ARG A 299 18.46 -5.21 -18.76
C ARG A 299 18.74 -4.49 -20.07
N GLU A 300 18.73 -5.25 -21.16
CA GLU A 300 19.04 -4.72 -22.49
C GLU A 300 17.93 -3.80 -23.03
N ILE A 301 16.69 -4.22 -22.85
CA ILE A 301 15.58 -3.54 -23.55
C ILE A 301 14.72 -2.63 -22.65
N ARG A 302 14.84 -2.76 -21.33
CA ARG A 302 14.08 -1.93 -20.40
C ARG A 302 13.88 -0.44 -20.78
N ALA A 303 14.98 0.29 -20.88
CA ALA A 303 14.93 1.72 -21.09
C ALA A 303 14.12 2.06 -22.33
N GLU A 304 14.36 1.33 -23.41
CA GLU A 304 13.68 1.54 -24.67
C GLU A 304 12.20 1.18 -24.59
N VAL A 305 11.87 0.11 -23.86
CA VAL A 305 10.48 -0.33 -23.75
C VAL A 305 9.63 0.70 -22.97
N GLU A 306 10.18 1.18 -21.84
CA GLU A 306 9.57 2.26 -21.06
C GLU A 306 9.36 3.50 -21.91
N ARG A 307 10.39 3.87 -22.67
CA ARG A 307 10.29 5.03 -23.56
CA ARG A 307 10.30 5.04 -23.55
C ARG A 307 9.09 4.90 -24.47
N GLN A 308 8.90 3.70 -25.02
CA GLN A 308 7.85 3.49 -25.99
C GLN A 308 6.45 3.55 -25.36
N VAL A 309 6.35 3.07 -24.13
CA VAL A 309 5.08 3.15 -23.40
C VAL A 309 4.80 4.62 -23.11
N ARG A 310 5.78 5.29 -22.52
CA ARG A 310 5.67 6.71 -22.22
C ARG A 310 5.14 7.53 -23.40
N GLU A 311 5.72 7.33 -24.59
CA GLU A 311 5.36 8.10 -25.79
C GLU A 311 4.28 7.46 -26.64
N GLY A 312 3.62 6.42 -26.14
CA GLY A 312 2.53 5.80 -26.87
C GLY A 312 2.88 5.03 -28.15
N GLU A 313 4.12 4.61 -28.29
CA GLU A 313 4.49 3.82 -29.46
C GLU A 313 4.25 2.35 -29.14
N LEU A 314 3.88 2.05 -27.91
CA LEU A 314 3.68 0.70 -27.47
C LEU A 314 2.65 0.71 -26.37
N THR A 315 1.77 -0.29 -26.32
CA THR A 315 0.80 -0.38 -25.26
C THR A 315 1.50 -0.99 -24.07
N ALA A 316 0.92 -0.79 -22.91
CA ALA A 316 1.47 -1.35 -21.70
C ALA A 316 1.42 -2.88 -21.74
N ALA A 317 0.36 -3.45 -22.33
CA ALA A 317 0.16 -4.90 -22.37
C ALA A 317 1.24 -5.62 -23.20
N LEU A 318 1.53 -5.07 -24.38
CA LEU A 318 2.58 -5.59 -25.24
C LEU A 318 3.97 -5.40 -24.63
N ALA A 319 4.19 -4.23 -24.03
CA ALA A 319 5.45 -3.94 -23.32
C ALA A 319 5.68 -5.01 -22.24
N ALA A 320 4.65 -5.30 -21.46
CA ALA A 320 4.75 -6.37 -20.46
C ALA A 320 5.15 -7.72 -21.10
N GLN A 321 4.46 -8.09 -22.16
CA GLN A 321 4.74 -9.36 -22.81
C GLN A 321 6.18 -9.39 -23.31
N ARG A 322 6.63 -8.27 -23.86
CA ARG A 322 7.96 -8.19 -24.40
C ARG A 322 9.00 -8.29 -23.30
N LEU A 323 8.70 -7.79 -22.11
CA LEU A 323 9.64 -7.93 -20.99
C LEU A 323 9.67 -9.35 -20.46
N LEU A 324 8.51 -10.00 -20.41
CA LEU A 324 8.49 -11.42 -20.01
C LEU A 324 9.27 -12.29 -21.02
N ASP A 325 9.10 -11.99 -22.30
CA ASP A 325 9.79 -12.71 -23.37
C ASP A 325 11.26 -12.52 -23.16
N ALA A 326 11.69 -11.27 -22.94
CA ALA A 326 13.13 -10.97 -22.85
C ALA A 326 13.79 -11.63 -21.64
N ALA A 327 12.99 -12.02 -20.64
CA ALA A 327 13.51 -12.66 -19.44
C ALA A 327 13.90 -14.12 -19.67
N GLU A 328 13.43 -14.71 -20.77
CA GLU A 328 13.78 -16.08 -21.16
C GLU A 328 13.50 -17.03 -19.97
N LEU A 329 12.25 -17.04 -19.52
CA LEU A 329 11.83 -17.86 -18.39
C LEU A 329 11.88 -19.36 -18.74
N GLN B 7 -14.13 -7.97 -40.38
CA GLN B 7 -13.53 -6.59 -40.32
C GLN B 7 -12.08 -6.64 -39.82
N THR B 8 -11.20 -5.90 -40.49
CA THR B 8 -9.87 -5.66 -39.93
C THR B 8 -9.94 -4.79 -38.69
N VAL B 9 -8.91 -4.93 -37.85
CA VAL B 9 -8.64 -4.04 -36.74
C VAL B 9 -8.79 -2.57 -37.12
N LYS B 10 -8.33 -2.18 -38.31
CA LYS B 10 -8.42 -0.75 -38.74
C LYS B 10 -9.86 -0.38 -39.08
N ASP B 11 -10.67 -1.33 -39.54
CA ASP B 11 -12.08 -1.06 -39.82
C ASP B 11 -12.84 -0.86 -38.51
N LEU B 12 -12.52 -1.69 -37.54
CA LEU B 12 -13.09 -1.59 -36.21
C LEU B 12 -12.73 -0.26 -35.55
N ALA B 13 -11.46 0.14 -35.68
CA ALA B 13 -11.01 1.44 -35.15
C ALA B 13 -11.91 2.49 -35.66
N ALA B 14 -12.00 2.53 -37.00
CA ALA B 14 -12.79 3.53 -37.74
C ALA B 14 -14.27 3.49 -37.34
N ALA B 15 -14.81 2.28 -37.20
CA ALA B 15 -16.22 2.11 -36.79
C ALA B 15 -16.47 2.63 -35.35
N ILE B 16 -15.53 2.43 -34.44
CA ILE B 16 -15.64 2.97 -33.09
C ILE B 16 -15.64 4.49 -33.13
N ARG B 17 -14.75 5.05 -33.93
CA ARG B 17 -14.63 6.51 -34.00
C ARG B 17 -15.83 7.15 -34.62
N SER B 18 -16.45 6.47 -35.57
CA SER B 18 -17.57 7.08 -36.29
C SER B 18 -18.93 6.79 -35.64
N GLY B 19 -18.95 5.99 -34.56
CA GLY B 19 -20.18 5.76 -33.78
C GLY B 19 -21.14 4.68 -34.31
N ASP B 20 -20.62 3.69 -35.01
CA ASP B 20 -21.44 2.59 -35.53
C ASP B 20 -22.05 1.80 -34.41
N ARG B 21 -23.34 1.50 -34.54
CA ARG B 21 -24.09 0.82 -33.49
C ARG B 21 -23.21 -0.23 -32.81
N ALA B 22 -22.69 -1.16 -33.61
CA ALA B 22 -22.07 -2.39 -33.06
C ALA B 22 -20.59 -2.29 -32.69
N ALA B 23 -19.93 -1.17 -32.94
CA ALA B 23 -18.48 -1.17 -32.85
C ALA B 23 -17.94 -1.19 -31.39
N LEU B 24 -18.48 -0.34 -30.55
CA LEU B 24 -17.97 -0.25 -29.18
C LEU B 24 -18.19 -1.57 -28.42
N PRO B 25 -19.42 -2.13 -28.49
CA PRO B 25 -19.70 -3.43 -27.85
C PRO B 25 -18.78 -4.57 -28.29
N ARG B 26 -18.44 -4.60 -29.56
CA ARG B 26 -17.53 -5.60 -30.08
C ARG B 26 -16.12 -5.33 -29.57
N ALA B 27 -15.69 -4.08 -29.65
CA ALA B 27 -14.41 -3.70 -29.05
C ALA B 27 -14.33 -4.17 -27.61
N ILE B 28 -15.39 -3.94 -26.86
CA ILE B 28 -15.43 -4.31 -25.44
C ILE B 28 -15.34 -5.82 -25.28
N THR B 29 -16.18 -6.54 -26.00
CA THR B 29 -16.11 -8.03 -25.97
C THR B 29 -14.67 -8.49 -26.34
N LEU B 30 -14.04 -7.86 -27.29
CA LEU B 30 -12.67 -8.21 -27.66
C LEU B 30 -11.66 -8.04 -26.53
N VAL B 31 -11.75 -6.94 -25.80
CA VAL B 31 -10.82 -6.67 -24.72
C VAL B 31 -11.15 -7.55 -23.54
N GLU B 32 -12.39 -7.98 -23.44
CA GLU B 32 -12.79 -8.85 -22.37
C GLU B 32 -12.37 -10.30 -22.62
N SER B 33 -11.95 -10.62 -23.85
CA SER B 33 -11.68 -12.00 -24.21
C SER B 33 -10.36 -12.50 -23.67
N THR B 34 -10.34 -13.75 -23.25
CA THR B 34 -9.10 -14.43 -22.89
C THR B 34 -8.51 -15.22 -24.05
N ARG B 35 -9.26 -15.37 -25.14
CA ARG B 35 -8.75 -16.08 -26.35
C ARG B 35 -7.50 -15.38 -26.91
N ALA B 36 -6.48 -16.19 -27.23
CA ALA B 36 -5.15 -15.70 -27.66
C ALA B 36 -5.20 -14.77 -28.86
N ASP B 37 -6.00 -15.12 -29.84
CA ASP B 37 -6.15 -14.26 -31.02
C ASP B 37 -6.85 -12.95 -30.64
N HIS B 38 -7.95 -13.04 -29.90
CA HIS B 38 -8.62 -11.85 -29.42
C HIS B 38 -7.64 -11.00 -28.62
N ARG B 39 -6.84 -11.62 -27.74
CA ARG B 39 -5.80 -10.85 -27.01
C ARG B 39 -4.83 -10.11 -27.93
N GLU B 40 -4.39 -10.77 -29.00
CA GLU B 40 -3.47 -10.13 -29.95
C GLU B 40 -4.18 -8.98 -30.66
N ARG B 41 -5.41 -9.25 -31.08
CA ARG B 41 -6.18 -8.27 -31.85
C ARG B 41 -6.56 -7.05 -30.97
N ALA B 42 -6.96 -7.32 -29.73
CA ALA B 42 -7.26 -6.26 -28.77
C ALA B 42 -6.10 -5.25 -28.71
N GLN B 43 -4.85 -5.74 -28.67
CA GLN B 43 -3.70 -4.84 -28.54
C GLN B 43 -3.44 -4.11 -29.82
N GLU B 44 -3.69 -4.75 -30.96
CA GLU B 44 -3.51 -4.06 -32.24
C GLU B 44 -4.49 -2.92 -32.31
N LEU B 45 -5.73 -3.19 -31.91
CA LEU B 45 -6.76 -2.16 -31.84
C LEU B 45 -6.34 -0.98 -30.97
N LEU B 46 -5.81 -1.29 -29.78
CA LEU B 46 -5.42 -0.24 -28.82
C LEU B 46 -4.24 0.60 -29.33
N LEU B 47 -3.26 -0.06 -29.94
CA LEU B 47 -2.18 0.64 -30.68
C LEU B 47 -2.79 1.58 -31.72
N GLU B 48 -3.74 1.06 -32.48
CA GLU B 48 -4.42 1.87 -33.47
C GLU B 48 -5.15 3.06 -32.85
N LEU B 49 -5.68 2.87 -31.65
CA LEU B 49 -6.45 3.94 -30.99
C LEU B 49 -5.60 4.91 -30.17
N MET B 50 -4.28 4.68 -30.10
CA MET B 50 -3.37 5.53 -29.31
C MET B 50 -3.54 7.04 -29.44
N PRO B 51 -3.63 7.56 -30.66
CA PRO B 51 -3.84 9.00 -30.81
C PRO B 51 -5.04 9.56 -30.03
N ASP B 52 -5.97 8.68 -29.64
CA ASP B 52 -7.12 9.05 -28.84
C ASP B 52 -6.94 8.86 -27.34
N ALA B 53 -6.03 8.00 -26.94
CA ALA B 53 -5.80 7.75 -25.54
C ALA B 53 -5.52 9.07 -24.88
N GLY B 54 -6.26 9.34 -23.83
CA GLY B 54 -6.03 10.52 -23.05
C GLY B 54 -6.93 11.68 -23.36
N ARG B 55 -7.79 11.58 -24.38
CA ARG B 55 -8.68 12.71 -24.72
C ARG B 55 -9.68 13.03 -23.64
N ALA B 56 -10.04 12.06 -22.77
CA ALA B 56 -11.02 12.27 -21.70
C ALA B 56 -10.34 12.68 -20.42
N MET B 57 -11.08 13.40 -19.58
CA MET B 57 -10.72 13.52 -18.20
C MET B 57 -10.99 12.18 -17.56
N HIS B 58 -10.15 11.82 -16.58
CA HIS B 58 -10.29 10.57 -15.88
C HIS B 58 -10.49 10.92 -14.45
N VAL B 59 -11.67 10.67 -13.91
CA VAL B 59 -11.94 11.01 -12.54
C VAL B 59 -12.44 9.83 -11.76
N GLY B 60 -11.80 9.55 -10.63
CA GLY B 60 -12.17 8.39 -9.82
C GLY B 60 -13.12 8.81 -8.73
N ILE B 61 -14.08 7.95 -8.38
CA ILE B 61 -15.05 8.24 -7.35
C ILE B 61 -15.22 7.04 -6.46
N THR B 62 -14.99 7.17 -5.16
CA THR B 62 -15.15 6.05 -4.23
C THR B 62 -15.86 6.44 -2.96
N GLY B 63 -16.27 5.43 -2.19
CA GLY B 63 -16.99 5.64 -0.93
C GLY B 63 -17.71 4.36 -0.50
N VAL B 64 -17.95 4.21 0.80
CA VAL B 64 -18.58 2.99 1.25
C VAL B 64 -20.05 2.97 0.82
N PRO B 65 -20.58 1.76 0.59
CA PRO B 65 -21.99 1.57 0.23
C PRO B 65 -22.93 2.35 1.14
N GLY B 66 -23.91 3.04 0.55
CA GLY B 66 -24.87 3.85 1.31
C GLY B 66 -24.46 5.31 1.47
N VAL B 67 -23.24 5.63 1.08
CA VAL B 67 -22.74 6.99 1.19
C VAL B 67 -23.46 7.95 0.24
N GLY B 68 -24.07 7.39 -0.82
CA GLY B 68 -24.70 8.23 -1.87
C GLY B 68 -23.91 8.31 -3.17
N LYS B 69 -23.06 7.31 -3.43
CA LYS B 69 -22.17 7.34 -4.63
C LYS B 69 -22.97 7.33 -5.96
N SER B 70 -23.96 6.47 -6.04
CA SER B 70 -24.66 6.31 -7.31
C SER B 70 -25.53 7.56 -7.59
N THR B 71 -26.19 8.06 -6.55
CA THR B 71 -26.91 9.34 -6.67
C THR B 71 -25.99 10.53 -7.01
N SER B 72 -24.78 10.49 -6.44
CA SER B 72 -23.77 11.54 -6.73
C SER B 72 -23.31 11.52 -8.19
N ILE B 73 -23.01 10.33 -8.69
CA ILE B 73 -22.56 10.13 -10.05
C ILE B 73 -23.64 10.48 -11.04
N GLU B 74 -24.89 10.15 -10.70
CA GLU B 74 -26.02 10.55 -11.55
C GLU B 74 -26.13 12.08 -11.58
N ALA B 75 -26.05 12.72 -10.43
CA ALA B 75 -26.20 14.15 -10.42
C ALA B 75 -25.04 14.78 -11.22
N LEU B 76 -23.82 14.37 -10.91
CA LEU B 76 -22.68 14.94 -11.59
C LEU B 76 -22.82 14.69 -13.11
N GLY B 77 -23.20 13.46 -13.48
CA GLY B 77 -23.32 13.11 -14.89
C GLY B 77 -24.31 13.99 -15.64
N MET B 78 -25.47 14.18 -15.04
CA MET B 78 -26.51 14.96 -15.68
C MET B 78 -26.09 16.42 -15.80
N HIS B 79 -25.37 16.92 -14.81
CA HIS B 79 -24.82 18.28 -14.87
C HIS B 79 -23.81 18.42 -15.99
N LEU B 80 -22.91 17.43 -16.15
CA LEU B 80 -21.91 17.48 -17.22
C LEU B 80 -22.50 17.33 -18.62
N ILE B 81 -23.59 16.57 -18.73
CA ILE B 81 -24.29 16.44 -20.01
C ILE B 81 -24.98 17.76 -20.38
N GLU B 82 -25.57 18.42 -19.39
CA GLU B 82 -26.22 19.71 -19.65
C GLU B 82 -25.24 20.69 -20.27
N GLN B 83 -23.97 20.57 -19.88
CA GLN B 83 -22.90 21.40 -20.39
C GLN B 83 -22.31 20.84 -21.66
N GLY B 84 -22.92 19.81 -22.25
CA GLY B 84 -22.42 19.30 -23.50
C GLY B 84 -21.29 18.28 -23.44
N HIS B 85 -20.98 17.72 -22.27
CA HIS B 85 -20.01 16.63 -22.20
C HIS B 85 -20.64 15.33 -22.57
N ARG B 86 -19.83 14.34 -22.86
CA ARG B 86 -20.33 13.02 -23.22
C ARG B 86 -19.67 12.06 -22.24
N VAL B 87 -20.49 11.48 -21.37
CA VAL B 87 -20.00 10.93 -20.13
C VAL B 87 -20.20 9.41 -20.05
N ALA B 88 -19.17 8.72 -19.60
CA ALA B 88 -19.25 7.30 -19.32
C ALA B 88 -18.78 7.07 -17.87
N VAL B 89 -19.32 6.04 -17.20
CA VAL B 89 -18.92 5.68 -15.86
C VAL B 89 -18.56 4.24 -15.97
N LEU B 90 -17.31 3.89 -15.63
CA LEU B 90 -16.85 2.49 -15.59
C LEU B 90 -16.86 2.07 -14.13
N ALA B 91 -17.48 0.93 -13.84
CA ALA B 91 -17.43 0.39 -12.46
C ALA B 91 -16.40 -0.72 -12.37
N VAL B 92 -15.58 -0.70 -11.34
CA VAL B 92 -14.54 -1.69 -11.14
C VAL B 92 -15.05 -2.70 -10.11
N ASP B 93 -15.30 -3.92 -10.59
CA ASP B 93 -16.22 -4.83 -9.92
C ASP B 93 -15.64 -6.24 -9.86
N PRO B 94 -14.65 -6.41 -9.01
CA PRO B 94 -13.98 -7.70 -8.99
C PRO B 94 -14.95 -8.83 -8.66
N SER B 95 -15.92 -8.56 -7.79
CA SER B 95 -16.87 -9.59 -7.39
C SER B 95 -18.12 -9.67 -8.30
N SER B 96 -18.10 -9.03 -9.47
CA SER B 96 -19.21 -9.07 -10.49
C SER B 96 -20.64 -9.07 -9.92
N VAL B 97 -20.84 -8.21 -8.95
CA VAL B 97 -22.15 -7.85 -8.42
C VAL B 97 -22.76 -6.65 -9.20
N ARG B 98 -22.11 -6.23 -10.29
CA ARG B 98 -22.70 -5.30 -11.27
C ARG B 98 -23.23 -6.07 -12.49
N SER B 102 -26.29 -2.51 -20.94
CA SER B 102 -25.71 -1.16 -21.12
C SER B 102 -26.25 -0.43 -22.37
N ILE B 103 -26.47 0.88 -22.19
CA ILE B 103 -27.09 1.74 -23.18
C ILE B 103 -26.07 2.77 -23.63
N LEU B 104 -25.39 2.47 -24.73
CA LEU B 104 -24.24 3.27 -25.15
C LEU B 104 -24.57 4.39 -26.16
N GLY B 105 -25.77 4.38 -26.76
CA GLY B 105 -26.14 5.31 -27.85
C GLY B 105 -26.96 6.57 -27.53
N ASP B 106 -27.32 6.77 -26.27
CA ASP B 106 -28.17 7.91 -25.86
C ASP B 106 -27.35 9.09 -25.35
N LYS B 107 -27.08 10.07 -26.22
CA LYS B 107 -26.30 11.27 -25.83
C LYS B 107 -26.90 12.03 -24.60
N THR B 108 -28.19 11.81 -24.35
CA THR B 108 -28.90 12.44 -23.22
C THR B 108 -28.69 11.75 -21.85
N ARG B 109 -28.02 10.60 -21.85
CA ARG B 109 -27.78 9.82 -20.62
C ARG B 109 -26.33 9.42 -20.51
N MET B 110 -25.87 9.14 -19.29
CA MET B 110 -24.52 8.60 -19.13
C MET B 110 -24.45 7.17 -19.65
N ALA B 111 -23.32 6.79 -20.20
CA ALA B 111 -23.05 5.37 -20.46
C ALA B 111 -22.56 4.74 -19.16
N ARG B 112 -23.17 3.64 -18.73
CA ARG B 112 -22.81 2.96 -17.46
C ARG B 112 -22.35 1.53 -17.74
N LEU B 113 -21.08 1.24 -17.46
CA LEU B 113 -20.49 -0.02 -17.88
C LEU B 113 -19.80 -0.64 -16.71
N ALA B 114 -19.73 -1.95 -16.70
CA ALA B 114 -18.88 -2.69 -15.79
C ALA B 114 -18.31 -3.86 -16.61
N VAL B 115 -17.03 -3.78 -16.94
CA VAL B 115 -16.41 -4.79 -17.79
C VAL B 115 -15.66 -5.83 -16.97
N HIS B 116 -15.70 -7.07 -17.44
CA HIS B 116 -15.09 -8.24 -16.78
C HIS B 116 -14.50 -9.15 -17.83
N PRO B 117 -13.37 -9.82 -17.51
CA PRO B 117 -12.90 -10.84 -18.45
C PRO B 117 -13.92 -11.97 -18.56
N ASP B 118 -13.90 -12.67 -19.69
CA ASP B 118 -14.80 -13.79 -19.94
C ASP B 118 -14.60 -14.95 -18.94
N ALA B 119 -15.54 -15.89 -18.97
CA ALA B 119 -15.59 -17.02 -18.03
C ALA B 119 -14.38 -17.93 -18.14
N TYR B 120 -13.71 -17.92 -19.28
CA TYR B 120 -12.53 -18.75 -19.47
C TYR B 120 -11.25 -18.10 -18.92
N VAL B 121 -11.37 -17.01 -18.15
CA VAL B 121 -10.18 -16.44 -17.50
C VAL B 121 -9.66 -17.34 -16.38
N ARG B 122 -8.34 -17.36 -16.21
CA ARG B 122 -7.68 -18.06 -15.10
C ARG B 122 -7.44 -17.05 -13.98
N PRO B 123 -8.34 -17.00 -12.97
CA PRO B 123 -8.08 -16.02 -11.90
C PRO B 123 -6.69 -16.14 -11.28
N SER B 124 -6.37 -15.15 -10.45
CA SER B 124 -5.01 -14.96 -9.95
C SER B 124 -4.90 -15.19 -8.44
N PRO B 125 -3.86 -15.91 -8.03
CA PRO B 125 -3.44 -15.91 -6.63
C PRO B 125 -2.87 -14.54 -6.25
N SER B 126 -2.05 -13.96 -7.13
CA SER B 126 -1.51 -12.62 -6.91
C SER B 126 -2.61 -11.58 -6.68
N SER B 127 -3.52 -11.47 -7.66
CA SER B 127 -4.63 -10.48 -7.69
C SER B 127 -5.94 -10.95 -7.04
N GLY B 128 -6.49 -12.02 -7.61
CA GLY B 128 -7.91 -12.32 -7.52
C GLY B 128 -8.51 -12.01 -8.89
N THR B 129 -9.79 -11.64 -8.93
CA THR B 129 -10.42 -11.19 -10.17
C THR B 129 -10.00 -9.79 -10.56
N LEU B 130 -9.49 -9.06 -9.56
CA LEU B 130 -9.22 -7.63 -9.68
C LEU B 130 -8.30 -7.27 -10.83
N GLY B 131 -7.19 -8.02 -10.95
CA GLY B 131 -6.23 -7.82 -12.03
C GLY B 131 -6.87 -7.81 -13.40
N GLY B 132 -7.72 -8.80 -13.66
CA GLY B 132 -8.42 -8.91 -14.93
C GLY B 132 -9.42 -7.80 -15.17
N VAL B 133 -10.09 -7.33 -14.12
CA VAL B 133 -11.07 -6.25 -14.24
C VAL B 133 -10.34 -4.91 -14.43
N ALA B 134 -9.27 -4.70 -13.65
CA ALA B 134 -8.42 -3.48 -13.81
C ALA B 134 -7.93 -3.33 -15.23
N LYS B 135 -7.33 -4.40 -15.74
CA LYS B 135 -6.84 -4.43 -17.12
C LYS B 135 -7.96 -4.08 -18.11
N ALA B 136 -9.09 -4.77 -17.98
CA ALA B 136 -10.16 -4.56 -18.93
C ALA B 136 -10.70 -3.13 -18.80
N THR B 137 -10.79 -2.62 -17.58
CA THR B 137 -11.29 -1.27 -17.38
C THR B 137 -10.34 -0.26 -17.99
N ARG B 138 -9.04 -0.39 -17.69
CA ARG B 138 -8.06 0.57 -18.23
C ARG B 138 -8.13 0.63 -19.76
N GLU B 139 -8.30 -0.51 -20.39
CA GLU B 139 -8.29 -0.55 -21.83
C GLU B 139 -9.58 0.04 -22.39
N THR B 140 -10.70 -0.29 -21.75
CA THR B 140 -11.97 0.25 -22.13
C THR B 140 -11.99 1.81 -22.05
N ILE B 141 -11.21 2.41 -21.15
CA ILE B 141 -11.14 3.87 -21.12
C ILE B 141 -10.72 4.40 -22.49
N VAL B 142 -9.76 3.72 -23.12
CA VAL B 142 -9.27 4.16 -24.40
C VAL B 142 -10.35 3.94 -25.44
N LEU B 143 -11.08 2.84 -25.32
CA LEU B 143 -12.21 2.58 -26.23
C LEU B 143 -13.23 3.71 -26.16
N LEU B 144 -13.56 4.15 -24.94
CA LEU B 144 -14.54 5.19 -24.74
C LEU B 144 -14.02 6.52 -25.31
N GLU B 145 -12.73 6.76 -25.14
CA GLU B 145 -12.14 8.00 -25.63
C GLU B 145 -12.17 8.04 -27.16
N ALA B 146 -11.78 6.93 -27.78
CA ALA B 146 -11.92 6.81 -29.23
C ALA B 146 -13.36 7.06 -29.68
N ALA B 147 -14.32 6.65 -28.85
CA ALA B 147 -15.77 6.84 -29.17
C ALA B 147 -16.28 8.27 -28.93
N GLY B 148 -15.44 9.20 -28.46
CA GLY B 148 -15.88 10.57 -28.24
C GLY B 148 -16.42 10.93 -26.86
N PHE B 149 -16.20 10.05 -25.87
CA PHE B 149 -16.45 10.39 -24.47
C PHE B 149 -15.27 11.22 -23.90
N ASP B 150 -15.58 12.39 -23.33
CA ASP B 150 -14.56 13.33 -22.85
C ASP B 150 -14.46 13.42 -21.33
N VAL B 151 -15.41 12.76 -20.65
CA VAL B 151 -15.30 12.55 -19.22
C VAL B 151 -15.57 11.07 -18.97
N VAL B 152 -14.61 10.43 -18.30
CA VAL B 152 -14.73 9.05 -17.89
C VAL B 152 -14.60 9.01 -16.39
N LEU B 153 -15.67 8.60 -15.72
CA LEU B 153 -15.73 8.44 -14.29
C LEU B 153 -15.47 6.96 -13.96
N VAL B 154 -14.56 6.71 -13.03
CA VAL B 154 -14.28 5.35 -12.59
C VAL B 154 -14.64 5.21 -11.12
N GLU B 155 -15.51 4.27 -10.82
CA GLU B 155 -16.05 4.11 -9.49
C GLU B 155 -15.73 2.70 -8.95
N THR B 156 -15.53 2.62 -7.63
CA THR B 156 -15.41 1.33 -6.94
C THR B 156 -16.77 0.75 -6.67
N VAL B 157 -16.83 -0.57 -6.56
CA VAL B 157 -18.01 -1.31 -6.13
C VAL B 157 -17.67 -2.25 -4.95
N GLY B 160 -14.43 -3.47 -0.94
CA GLY B 160 -13.29 -4.23 -1.44
C GLY B 160 -12.00 -3.45 -1.32
N GLN B 161 -10.92 -3.97 -1.90
CA GLN B 161 -9.63 -3.28 -1.96
C GLN B 161 -9.32 -2.79 -3.41
N SER B 162 -10.33 -2.18 -4.04
CA SER B 162 -10.22 -1.63 -5.39
C SER B 162 -9.80 -0.16 -5.46
N GLU B 163 -9.62 0.50 -4.33
CA GLU B 163 -9.37 1.92 -4.33
C GLU B 163 -8.05 2.29 -4.98
N VAL B 164 -7.01 1.52 -4.70
CA VAL B 164 -5.69 1.84 -5.25
C VAL B 164 -5.72 1.65 -6.76
N THR B 165 -6.36 0.56 -7.18
CA THR B 165 -6.49 0.22 -8.60
C THR B 165 -7.15 1.36 -9.36
N VAL B 166 -8.23 1.90 -8.81
CA VAL B 166 -8.87 3.07 -9.41
C VAL B 166 -8.00 4.31 -9.38
N ALA B 167 -7.37 4.59 -8.26
CA ALA B 167 -6.50 5.77 -8.12
C ALA B 167 -5.43 5.81 -9.21
N ASP B 168 -4.83 4.64 -9.47
CA ASP B 168 -3.77 4.50 -10.47
C ASP B 168 -4.24 4.64 -11.93
N MET B 169 -5.53 4.67 -12.19
CA MET B 169 -5.95 4.91 -13.58
C MET B 169 -6.69 6.23 -13.82
N VAL B 170 -6.72 7.15 -12.83
CA VAL B 170 -7.43 8.43 -12.93
C VAL B 170 -6.52 9.61 -12.61
N ASP B 171 -6.94 10.82 -12.99
CA ASP B 171 -6.13 12.05 -12.73
C ASP B 171 -6.49 12.64 -11.39
N THR B 172 -7.74 12.44 -10.99
CA THR B 172 -8.28 13.05 -9.79
C THR B 172 -9.17 12.04 -9.11
N PHE B 173 -8.89 11.78 -7.83
CA PHE B 173 -9.56 10.78 -7.04
C PHE B 173 -10.43 11.46 -5.96
N VAL B 174 -11.72 11.23 -6.03
CA VAL B 174 -12.70 11.86 -5.18
C VAL B 174 -13.21 10.86 -4.17
N PHE B 175 -13.18 11.21 -2.89
CA PHE B 175 -13.64 10.32 -1.80
C PHE B 175 -14.91 10.87 -1.14
N LEU B 176 -15.99 10.10 -1.17
CA LEU B 176 -17.23 10.51 -0.54
C LEU B 176 -17.33 9.91 0.83
N THR B 177 -17.77 10.72 1.77
CA THR B 177 -17.93 10.29 3.14
C THR B 177 -19.23 10.88 3.68
N LEU B 178 -19.55 10.47 4.89
CA LEU B 178 -20.73 10.97 5.62
C LEU B 178 -20.32 11.50 7.00
N ALA B 179 -21.05 12.51 7.47
CA ALA B 179 -20.94 12.93 8.88
C ALA B 179 -22.00 12.20 9.69
N ARG B 180 -21.61 11.26 10.54
CA ARG B 180 -22.58 10.65 11.51
C ARG B 180 -23.03 11.71 12.52
N THR B 181 -22.06 12.52 12.94
CA THR B 181 -22.34 13.79 13.62
C THR B 181 -21.31 14.81 13.12
N GLY B 182 -21.40 16.05 13.60
CA GLY B 182 -20.38 17.05 13.35
C GLY B 182 -18.96 16.64 13.76
N ASP B 183 -18.84 15.64 14.64
CA ASP B 183 -17.53 15.23 15.20
C ASP B 183 -17.06 13.83 14.76
N GLN B 184 -17.85 13.10 13.98
CA GLN B 184 -17.51 11.74 13.57
C GLN B 184 -17.89 11.49 12.12
N LEU B 185 -16.91 11.14 11.30
CA LEU B 185 -17.16 10.74 9.93
C LEU B 185 -17.47 9.25 9.92
N GLN B 186 -17.71 8.70 8.73
CA GLN B 186 -18.25 7.32 8.67
C GLN B 186 -17.87 6.61 7.38
N GLY B 187 -17.47 5.33 7.47
CA GLY B 187 -17.03 4.59 6.29
C GLY B 187 -15.71 5.11 5.73
N ILE B 188 -14.72 5.18 6.61
CA ILE B 188 -13.39 5.57 6.21
C ILE B 188 -12.52 4.35 6.44
N LYS B 189 -12.24 3.64 5.36
CA LYS B 189 -11.34 2.47 5.39
C LYS B 189 -9.89 2.96 5.56
N LYS B 190 -9.10 2.22 6.32
CA LYS B 190 -7.69 2.56 6.54
C LYS B 190 -6.98 2.73 5.20
N GLY B 191 -6.22 3.81 5.10
CA GLY B 191 -5.34 4.03 3.93
C GLY B 191 -6.01 4.53 2.67
N VAL B 192 -7.29 4.89 2.74
CA VAL B 192 -8.02 5.36 1.57
C VAL B 192 -7.97 6.86 1.53
N LEU B 193 -8.10 7.50 2.68
CA LEU B 193 -8.03 8.95 2.79
C LEU B 193 -6.81 9.55 2.11
N GLU B 194 -5.68 8.87 2.19
CA GLU B 194 -4.43 9.40 1.66
C GLU B 194 -4.40 9.32 0.14
N LEU B 195 -5.34 8.59 -0.45
CA LEU B 195 -5.48 8.58 -1.90
C LEU B 195 -6.31 9.77 -2.40
N ALA B 196 -7.02 10.44 -1.52
CA ALA B 196 -8.00 11.41 -1.95
C ALA B 196 -7.40 12.77 -2.34
N ASP B 197 -7.68 13.21 -3.56
CA ASP B 197 -7.36 14.56 -3.95
C ASP B 197 -8.45 15.51 -3.52
N ILE B 198 -9.70 15.02 -3.36
CA ILE B 198 -10.87 15.80 -2.91
C ILE B 198 -11.72 14.87 -2.05
N VAL B 199 -12.18 15.38 -0.92
CA VAL B 199 -13.05 14.61 -0.03
C VAL B 199 -14.41 15.35 0.02
N VAL B 200 -15.52 14.60 -0.06
CA VAL B 200 -16.83 15.18 -0.02
C VAL B 200 -17.66 14.61 1.12
N VAL B 201 -18.26 15.47 1.90
CA VAL B 201 -19.22 15.01 2.87
C VAL B 201 -20.57 15.15 2.20
N ASN B 202 -21.19 14.02 1.84
CA ASN B 202 -22.46 14.05 1.10
C ASN B 202 -23.64 14.04 2.09
N LYS B 203 -24.85 14.27 1.57
CA LYS B 203 -26.08 14.31 2.39
C LYS B 203 -26.17 15.54 3.26
N ALA B 204 -25.46 16.58 2.86
CA ALA B 204 -25.50 17.86 3.55
C ALA B 204 -26.77 18.55 3.07
N ASP B 205 -27.89 18.14 3.65
CA ASP B 205 -29.18 18.72 3.36
C ASP B 205 -30.04 18.63 4.61
N GLY B 206 -31.09 19.45 4.65
CA GLY B 206 -32.03 19.47 5.77
C GLY B 206 -31.36 20.03 7.01
N GLU B 207 -31.76 19.52 8.17
CA GLU B 207 -31.13 19.91 9.43
C GLU B 207 -29.68 19.40 9.47
N HIS B 208 -29.38 18.40 8.64
CA HIS B 208 -28.09 17.76 8.66
C HIS B 208 -27.00 18.57 8.04
N ALA B 209 -27.37 19.53 7.20
CA ALA B 209 -26.41 20.37 6.54
C ALA B 209 -25.34 20.97 7.49
N VAL B 210 -25.79 21.64 8.55
CA VAL B 210 -24.91 22.28 9.54
C VAL B 210 -23.90 21.30 10.14
N GLU B 211 -24.31 20.05 10.41
CA GLU B 211 -23.39 19.00 10.92
C GLU B 211 -22.39 18.50 9.88
N ALA B 212 -22.84 18.44 8.62
CA ALA B 212 -21.96 18.10 7.50
C ALA B 212 -20.87 19.13 7.35
N ARG B 213 -21.23 20.40 7.50
CA ARG B 213 -20.23 21.46 7.33
C ARG B 213 -19.23 21.43 8.50
N LYS B 214 -19.74 21.29 9.72
CA LYS B 214 -18.90 21.16 10.90
C LYS B 214 -17.85 20.03 10.68
N ALA B 215 -18.35 18.85 10.32
CA ALA B 215 -17.52 17.68 9.98
C ALA B 215 -16.52 17.98 8.87
N ALA B 216 -16.93 18.70 7.85
CA ALA B 216 -15.95 19.10 6.81
C ALA B 216 -14.83 19.93 7.41
N ARG B 217 -15.13 20.86 8.29
CA ARG B 217 -14.08 21.75 8.82
C ARG B 217 -13.12 21.01 9.70
N GLU B 218 -13.64 20.13 10.55
CA GLU B 218 -12.77 19.32 11.44
C GLU B 218 -11.82 18.49 10.57
N LEU B 219 -12.33 17.93 9.49
CA LEU B 219 -11.50 17.16 8.59
C LEU B 219 -10.49 18.02 7.88
N ALA B 220 -10.89 19.21 7.44
CA ALA B 220 -9.93 20.11 6.81
C ALA B 220 -8.81 20.39 7.83
N GLY B 221 -9.18 20.58 9.10
CA GLY B 221 -8.23 20.86 10.19
C GLY B 221 -7.31 19.68 10.37
N ALA B 222 -7.90 18.49 10.36
CA ALA B 222 -7.15 17.23 10.45
C ALA B 222 -6.06 17.23 9.43
N MET B 223 -6.42 17.50 8.19
CA MET B 223 -5.46 17.50 7.09
C MET B 223 -4.42 18.63 7.12
N ARG B 224 -4.74 19.71 7.82
CA ARG B 224 -3.82 20.83 8.02
C ARG B 224 -2.82 20.49 9.16
N LEU B 225 -3.26 19.69 10.12
CA LEU B 225 -2.37 19.07 11.11
C LEU B 225 -1.39 18.09 10.46
N ILE B 226 -1.82 17.36 9.44
CA ILE B 226 -0.98 16.35 8.76
C ILE B 226 -0.18 16.85 7.52
N TYR B 227 -0.85 17.33 6.47
CA TYR B 227 -0.15 17.69 5.22
C TYR B 227 0.78 18.91 5.41
N PRO B 228 2.00 18.85 4.84
CA PRO B 228 2.91 19.98 4.96
C PRO B 228 2.38 21.25 4.28
N ARG B 229 2.45 22.36 5.00
CA ARG B 229 1.83 23.63 4.57
C ARG B 229 2.26 24.17 3.17
N GLU B 230 3.38 23.73 2.64
CA GLU B 230 3.86 24.22 1.34
C GLU B 230 3.90 23.09 0.33
N THR B 231 2.75 22.44 0.14
CA THR B 231 2.53 21.35 -0.83
C THR B 231 1.91 21.97 -2.09
N LEU B 232 1.77 21.20 -3.16
CA LEU B 232 1.16 21.70 -4.40
C LEU B 232 -0.39 21.75 -4.28
N TRP B 233 -0.94 20.71 -3.69
CA TRP B 233 -2.37 20.57 -3.66
C TRP B 233 -2.76 19.99 -2.35
N ARG B 234 -3.44 20.80 -1.57
CA ARG B 234 -4.04 20.31 -0.34
C ARG B 234 -5.43 19.84 -0.68
N PRO B 235 -5.76 18.60 -0.34
CA PRO B 235 -7.10 18.14 -0.67
C PRO B 235 -8.16 19.00 0.01
N PRO B 236 -8.94 19.79 -0.76
CA PRO B 236 -10.11 20.50 -0.22
C PRO B 236 -11.14 19.54 0.37
N VAL B 237 -11.93 20.02 1.29
CA VAL B 237 -13.01 19.18 1.85
C VAL B 237 -14.33 19.88 1.65
N LEU B 238 -15.19 19.32 0.81
CA LEU B 238 -16.39 20.02 0.37
C LEU B 238 -17.58 19.34 0.99
N THR B 239 -18.72 20.04 0.97
CA THR B 239 -20.01 19.44 1.29
C THR B 239 -20.87 19.45 0.03
N MET B 240 -21.82 18.52 -0.01
CA MET B 240 -22.65 18.30 -1.16
C MET B 240 -23.98 17.61 -0.73
N SER B 241 -25.04 17.85 -1.47
CA SER B 241 -26.26 17.05 -1.39
C SER B 241 -26.59 16.58 -2.78
N ALA B 242 -26.25 15.32 -3.03
CA ALA B 242 -26.52 14.71 -4.32
C ALA B 242 -28.01 14.72 -4.66
N LEU B 243 -28.87 14.56 -3.66
CA LEU B 243 -30.30 14.55 -3.92
C LEU B 243 -30.84 15.92 -4.30
N GLU B 244 -30.32 17.01 -3.73
CA GLU B 244 -30.90 18.35 -4.00
C GLU B 244 -30.08 19.18 -4.99
N GLY B 245 -28.93 18.64 -5.40
CA GLY B 245 -28.09 19.33 -6.33
C GLY B 245 -27.08 20.29 -5.74
N THR B 246 -27.21 20.60 -4.47
CA THR B 246 -26.29 21.54 -3.81
C THR B 246 -24.86 21.03 -3.81
N GLY B 247 -23.95 21.90 -4.23
CA GLY B 247 -22.53 21.60 -4.23
C GLY B 247 -22.03 20.73 -5.39
N VAL B 248 -22.96 20.22 -6.23
CA VAL B 248 -22.57 19.35 -7.34
C VAL B 248 -21.70 20.08 -8.34
N ALA B 249 -22.14 21.26 -8.75
CA ALA B 249 -21.41 22.08 -9.69
C ALA B 249 -20.03 22.46 -9.12
N GLU B 250 -20.00 22.73 -7.82
CA GLU B 250 -18.75 23.10 -7.18
C GLU B 250 -17.71 21.95 -7.10
N LEU B 251 -18.17 20.73 -6.88
CA LEU B 251 -17.32 19.55 -6.97
C LEU B 251 -16.60 19.55 -8.29
N TRP B 252 -17.35 19.71 -9.37
CA TRP B 252 -16.75 19.68 -10.71
C TRP B 252 -15.74 20.78 -10.96
N GLU B 253 -16.09 22.01 -10.57
CA GLU B 253 -15.19 23.17 -10.59
C GLU B 253 -13.88 22.82 -9.90
N THR B 254 -13.97 22.22 -8.72
CA THR B 254 -12.81 21.75 -7.97
C THR B 254 -12.00 20.66 -8.70
N VAL B 255 -12.69 19.71 -9.30
CA VAL B 255 -12.02 18.72 -10.18
C VAL B 255 -11.26 19.39 -11.33
N LEU B 256 -11.88 20.39 -11.95
CA LEU B 256 -11.22 21.17 -13.02
C LEU B 256 -10.00 21.91 -12.48
N LYS B 257 -10.15 22.45 -11.29
CA LYS B 257 -9.06 23.17 -10.65
C LYS B 257 -7.88 22.23 -10.39
N HIS B 258 -8.14 21.02 -9.94
CA HIS B 258 -7.07 20.04 -9.71
C HIS B 258 -6.31 19.76 -10.94
N ARG B 259 -7.00 19.63 -12.05
CA ARG B 259 -6.36 19.40 -13.33
C ARG B 259 -5.45 20.57 -13.73
N GLN B 260 -5.93 21.80 -13.60
CA GLN B 260 -5.14 22.98 -13.97
C GLN B 260 -3.89 23.13 -13.11
N VAL B 261 -4.01 22.84 -11.81
CA VAL B 261 -2.87 22.87 -10.91
C VAL B 261 -1.84 21.80 -11.29
N LEU B 262 -2.31 20.62 -11.70
CA LEU B 262 -1.41 19.58 -12.18
C LEU B 262 -0.72 19.96 -13.51
N ILE B 263 -1.47 20.54 -14.46
CA ILE B 263 -0.87 21.02 -15.72
C ILE B 263 0.17 22.15 -15.47
N ASP B 264 -0.19 23.13 -14.63
CA ASP B 264 0.70 24.23 -14.26
C ASP B 264 2.04 23.78 -13.64
N ALA B 265 2.02 22.71 -12.84
CA ALA B 265 3.21 22.12 -12.24
C ALA B 265 3.97 21.15 -13.14
N GLY B 266 3.57 21.04 -14.41
CA GLY B 266 4.19 20.09 -15.36
C GLY B 266 4.02 18.64 -14.96
N GLU B 267 2.87 18.34 -14.36
CA GLU B 267 2.73 17.11 -13.63
C GLU B 267 1.61 16.19 -14.17
N PHE B 268 0.70 16.75 -14.95
CA PHE B 268 -0.51 16.07 -15.41
C PHE B 268 -0.18 14.93 -16.37
N GLU B 269 0.57 15.25 -17.43
CA GLU B 269 0.92 14.27 -18.47
C GLU B 269 1.90 13.29 -17.91
N LYS B 270 2.89 13.81 -17.17
CA LYS B 270 3.91 12.95 -16.60
C LYS B 270 3.26 11.89 -15.73
N ARG B 271 2.28 12.28 -14.94
CA ARG B 271 1.61 11.34 -14.04
C ARG B 271 0.91 10.24 -14.79
N ARG B 272 0.19 10.59 -15.84
CA ARG B 272 -0.45 9.61 -16.67
C ARG B 272 0.60 8.68 -17.24
N ARG B 273 1.69 9.23 -17.75
CA ARG B 273 2.72 8.42 -18.40
C ARG B 273 3.36 7.48 -17.38
N ASP B 274 3.59 7.98 -16.16
CA ASP B 274 4.06 7.16 -15.03
C ASP B 274 3.12 6.00 -14.70
N GLN B 275 1.81 6.29 -14.66
CA GLN B 275 0.82 5.28 -14.31
C GLN B 275 0.88 4.13 -15.30
N GLU B 276 1.14 4.50 -16.53
CA GLU B 276 1.15 3.55 -17.63
C GLU B 276 2.34 2.61 -17.50
N VAL B 277 3.50 3.16 -17.15
CA VAL B 277 4.72 2.36 -16.94
C VAL B 277 4.55 1.51 -15.67
N ASN B 278 4.00 2.09 -14.61
CA ASN B 278 3.70 1.31 -13.39
C ASN B 278 2.75 0.15 -13.67
N TRP B 279 1.74 0.41 -14.47
CA TRP B 279 0.80 -0.62 -14.84
C TRP B 279 1.48 -1.77 -15.61
N MET B 280 2.39 -1.42 -16.51
CA MET B 280 3.18 -2.40 -17.24
C MET B 280 3.97 -3.29 -16.28
N TRP B 281 4.64 -2.69 -15.30
CA TRP B 281 5.38 -3.50 -14.36
C TRP B 281 4.48 -4.38 -13.54
N THR B 282 3.34 -3.86 -13.12
CA THR B 282 2.42 -4.64 -12.30
C THR B 282 2.02 -5.89 -13.08
N MET B 283 1.72 -5.76 -14.37
CA MET B 283 1.41 -6.93 -15.17
C MET B 283 2.60 -7.89 -15.24
N VAL B 284 3.82 -7.37 -15.36
CA VAL B 284 5.01 -8.23 -15.42
C VAL B 284 5.15 -8.94 -14.08
N ARG B 285 5.06 -8.19 -12.99
CA ARG B 285 5.18 -8.78 -11.63
C ARG B 285 4.10 -9.83 -11.40
N ASP B 286 2.86 -9.51 -11.78
CA ASP B 286 1.75 -10.42 -11.58
C ASP B 286 1.93 -11.72 -12.36
N ALA B 287 2.32 -11.61 -13.62
CA ALA B 287 2.49 -12.82 -14.43
C ALA B 287 3.53 -13.78 -13.82
N VAL B 288 4.62 -13.27 -13.30
CA VAL B 288 5.66 -14.17 -12.80
C VAL B 288 5.28 -14.72 -11.43
N ILE B 289 4.63 -13.91 -10.61
CA ILE B 289 4.17 -14.42 -9.32
C ILE B 289 3.14 -15.51 -9.57
N ASP B 290 2.19 -15.24 -10.47
CA ASP B 290 1.21 -16.26 -10.83
C ASP B 290 1.83 -17.53 -11.39
N ARG B 291 2.87 -17.41 -12.22
CA ARG B 291 3.52 -18.59 -12.78
C ARG B 291 4.05 -19.48 -11.67
N VAL B 292 4.63 -18.87 -10.63
CA VAL B 292 5.14 -19.62 -9.48
C VAL B 292 3.98 -20.23 -8.71
N MET B 293 3.02 -19.39 -8.32
CA MET B 293 1.99 -19.82 -7.39
C MET B 293 1.01 -20.90 -7.96
N THR B 294 0.79 -20.92 -9.26
CA THR B 294 -0.04 -21.96 -9.91
C THR B 294 0.81 -23.13 -10.38
N SER B 295 2.08 -23.13 -10.04
CA SER B 295 2.96 -24.23 -10.43
C SER B 295 2.49 -25.55 -9.76
N PRO B 296 2.59 -26.68 -10.49
CA PRO B 296 2.21 -27.93 -9.86
C PRO B 296 2.96 -28.21 -8.56
N GLY B 297 4.27 -28.08 -8.59
CA GLY B 297 5.08 -28.37 -7.42
C GLY B 297 4.65 -27.54 -6.23
N VAL B 298 4.35 -26.26 -6.47
CA VAL B 298 3.99 -25.37 -5.39
C VAL B 298 2.58 -25.73 -4.92
N ARG B 299 1.67 -25.92 -5.87
CA ARG B 299 0.28 -26.32 -5.54
C ARG B 299 0.29 -27.59 -4.68
N GLU B 300 1.23 -28.50 -4.94
CA GLU B 300 1.34 -29.76 -4.20
C GLU B 300 1.84 -29.58 -2.75
N ILE B 301 2.87 -28.76 -2.53
CA ILE B 301 3.56 -28.70 -1.23
C ILE B 301 3.21 -27.47 -0.36
N ARG B 302 2.59 -26.47 -0.95
CA ARG B 302 2.22 -25.23 -0.22
C ARG B 302 1.68 -25.44 1.20
N ALA B 303 0.58 -26.14 1.31
CA ALA B 303 -0.11 -26.27 2.59
C ALA B 303 0.83 -26.81 3.69
N GLU B 304 1.59 -27.83 3.35
CA GLU B 304 2.52 -28.46 4.29
C GLU B 304 3.67 -27.54 4.66
N VAL B 305 4.16 -26.76 3.70
CA VAL B 305 5.27 -25.85 3.97
C VAL B 305 4.86 -24.72 4.90
N GLU B 306 3.69 -24.13 4.65
CA GLU B 306 3.10 -23.14 5.58
C GLU B 306 2.94 -23.69 6.99
N ARG B 307 2.39 -24.89 7.07
CA ARG B 307 2.18 -25.52 8.36
C ARG B 307 3.50 -25.54 9.14
N GLN B 308 4.58 -25.89 8.46
CA GLN B 308 5.86 -26.07 9.13
C GLN B 308 6.45 -24.74 9.60
N VAL B 309 6.24 -23.70 8.80
CA VAL B 309 6.69 -22.39 9.21
C VAL B 309 5.89 -21.93 10.42
N ARG B 310 4.56 -22.01 10.30
CA ARG B 310 3.67 -21.67 11.41
C ARG B 310 4.09 -22.31 12.73
N GLU B 311 4.36 -23.62 12.70
CA GLU B 311 4.71 -24.36 13.93
C GLU B 311 6.22 -24.41 14.22
N GLY B 312 7.02 -23.63 13.50
CA GLY B 312 8.46 -23.61 13.77
C GLY B 312 9.24 -24.89 13.47
N GLU B 313 8.74 -25.74 12.60
CA GLU B 313 9.50 -26.91 12.17
C GLU B 313 10.38 -26.55 10.96
N LEU B 314 10.22 -25.33 10.45
CA LEU B 314 10.92 -24.90 9.25
C LEU B 314 11.08 -23.39 9.34
N THR B 315 12.20 -22.86 8.86
CA THR B 315 12.39 -21.42 8.81
C THR B 315 11.67 -20.90 7.60
N ALA B 316 11.40 -19.60 7.59
CA ALA B 316 10.81 -18.95 6.43
C ALA B 316 11.75 -19.04 5.24
N ALA B 317 13.05 -18.91 5.51
CA ALA B 317 14.05 -18.87 4.44
C ALA B 317 14.09 -20.18 3.66
N LEU B 318 14.07 -21.28 4.40
CA LEU B 318 14.12 -22.61 3.78
C LEU B 318 12.81 -22.94 3.09
N ALA B 319 11.71 -22.59 3.74
CA ALA B 319 10.38 -22.75 3.16
C ALA B 319 10.34 -22.01 1.83
N ALA B 320 10.81 -20.77 1.81
CA ALA B 320 10.84 -20.00 0.57
C ALA B 320 11.67 -20.71 -0.49
N GLN B 321 12.84 -21.17 -0.11
CA GLN B 321 13.74 -21.83 -1.05
C GLN B 321 13.02 -23.06 -1.61
N ARG B 322 12.35 -23.80 -0.73
CA ARG B 322 11.70 -25.02 -1.14
C ARG B 322 10.56 -24.73 -2.11
N LEU B 323 9.87 -23.60 -1.91
CA LEU B 323 8.80 -23.22 -2.85
C LEU B 323 9.37 -22.75 -4.19
N LEU B 324 10.47 -22.03 -4.16
CA LEU B 324 11.12 -21.62 -5.42
C LEU B 324 11.64 -22.85 -6.17
N ASP B 325 12.23 -23.80 -5.44
CA ASP B 325 12.72 -25.04 -6.04
C ASP B 325 11.58 -25.77 -6.73
N ALA B 326 10.45 -25.92 -6.04
CA ALA B 326 9.32 -26.70 -6.57
C ALA B 326 8.62 -26.03 -7.77
N ALA B 327 8.83 -24.72 -7.95
CA ALA B 327 8.16 -23.99 -9.05
C ALA B 327 8.79 -24.24 -10.40
N GLU B 328 10.04 -24.70 -10.41
CA GLU B 328 10.76 -24.93 -11.67
C GLU B 328 10.59 -23.75 -12.66
N LEU B 329 10.29 -22.55 -12.16
CA LEU B 329 10.34 -21.33 -12.97
C LEU B 329 11.83 -21.09 -13.23
N ARG B 330 12.25 -21.30 -14.48
CA ARG B 330 13.68 -21.43 -14.80
C ARG B 330 14.36 -20.10 -15.06
#